data_7YJ9
#
_entry.id   7YJ9
#
_cell.length_a   65.835
_cell.length_b   72.395
_cell.length_c   83.105
_cell.angle_alpha   90.000
_cell.angle_beta   90.000
_cell.angle_gamma   90.000
#
_symmetry.space_group_name_H-M   'P 2 21 21'
#
loop_
_entity.id
_entity.type
_entity.pdbx_description
1 polymer 'chalcone synthase 1 (ScCHS1)'
2 non-polymer NARINGENIN
3 non-polymer 'COENZYME A'
4 water water
#
_entity_poly.entity_id   1
_entity_poly.type   'polypeptide(L)'
_entity_poly.pdbx_seq_one_letter_code
;MASATIPAPAPRKMERAEGPASVLAIGTAVPPNVVYQKDYPDFYFGVTNSNHKTELKDKFQRMCDKSCVSKRHLYLTEEI
LKANPSLCAYWEPSLDLRQDIVVVEVPKLGKQAASAAIKEWGQPKSKITHLIFCTTSGVDMPGADWALAKLLGLRSSVKR
LVLYMQGCYGGGTVLRIAKDLAENNKGARVLVVCSEITAITFRGPSDTHLDSLVGQALFGDGASALIVGSDPVPAVERAW
FELHWTGSDILPNSDGAIDGHLKEVGLTFHLMKDVPAIISKNIGGILKDALAKVFPAAHDQLDSSGTTAAAPPPPTYNDL
FWITHPGGPAILDQVEDRLGLRKDKLASTRAVLDQFGNMSSATVLFIMDEMRKRSVEQQLGTTGEGHEWGLLLGFGPGLT
CETVVLRSVPLV
;
_entity_poly.pdbx_strand_id   A
#
loop_
_chem_comp.id
_chem_comp.type
_chem_comp.name
_chem_comp.formula
COA non-polymer 'COENZYME A' 'C21 H36 N7 O16 P3 S'
NAR non-polymer NARINGENIN 'C15 H12 O5'
#
# COMPACT_ATOMS: atom_id res chain seq x y z
N ARG A 12 -6.70 29.26 -16.17
CA ARG A 12 -6.15 30.58 -16.47
C ARG A 12 -5.43 31.19 -15.27
N LYS A 13 -6.16 31.58 -14.22
CA LYS A 13 -5.51 32.24 -13.10
C LYS A 13 -4.46 31.33 -12.45
N MET A 14 -4.65 30.00 -12.55
CA MET A 14 -3.65 29.01 -12.15
C MET A 14 -3.31 28.19 -13.40
N GLU A 15 -2.11 28.38 -13.95
CA GLU A 15 -1.73 27.65 -15.15
C GLU A 15 -1.71 26.15 -14.88
N ARG A 16 -2.04 25.36 -15.91
CA ARG A 16 -2.01 23.92 -15.79
C ARG A 16 -0.75 23.36 -16.43
N ALA A 17 -0.43 22.11 -16.09
CA ALA A 17 0.70 21.40 -16.65
C ALA A 17 0.31 20.75 -17.98
N GLU A 18 1.30 20.18 -18.68
CA GLU A 18 1.01 19.61 -19.99
C GLU A 18 1.14 18.10 -20.06
N GLY A 19 2.25 17.52 -19.62
CA GLY A 19 2.47 16.09 -19.77
C GLY A 19 1.81 15.29 -18.65
N PRO A 20 1.89 13.97 -18.78
CA PRO A 20 1.26 13.09 -17.79
C PRO A 20 1.97 13.16 -16.43
N ALA A 21 1.17 13.12 -15.36
CA ALA A 21 1.72 13.03 -14.03
C ALA A 21 2.69 11.85 -13.95
N SER A 22 3.88 12.08 -13.39
CA SER A 22 4.93 11.07 -13.40
C SER A 22 5.51 10.88 -12.01
N VAL A 23 5.88 9.63 -11.72
CA VAL A 23 6.62 9.33 -10.50
C VAL A 23 8.09 9.68 -10.72
N LEU A 24 8.60 10.66 -9.96
CA LEU A 24 9.95 11.15 -10.12
C LEU A 24 10.91 10.60 -9.09
N ALA A 25 10.40 9.97 -8.03
CA ALA A 25 11.27 9.32 -7.05
C ALA A 25 10.39 8.51 -6.12
N ILE A 26 10.97 7.48 -5.51
CA ILE A 26 10.27 6.63 -4.55
C ILE A 26 11.21 6.37 -3.37
N GLY A 27 10.69 6.54 -2.15
CA GLY A 27 11.41 6.12 -0.96
C GLY A 27 10.55 5.20 -0.11
N THR A 28 11.21 4.39 0.72
CA THR A 28 10.49 3.51 1.62
C THR A 28 11.20 3.47 2.97
N ALA A 29 10.45 3.05 3.99
CA ALA A 29 10.99 2.89 5.34
C ALA A 29 10.17 1.86 6.09
N VAL A 30 10.84 1.13 6.98
CA VAL A 30 10.19 0.13 7.83
C VAL A 30 10.78 0.19 9.22
N PRO A 31 9.97 -0.13 10.23
CA PRO A 31 10.51 -0.31 11.59
C PRO A 31 11.67 -1.30 11.55
N PRO A 32 12.68 -1.11 12.40
CA PRO A 32 13.85 -2.02 12.34
C PRO A 32 13.58 -3.42 12.85
N ASN A 33 12.61 -3.60 13.76
CA ASN A 33 12.36 -4.91 14.34
C ASN A 33 11.73 -5.84 13.32
N VAL A 34 12.40 -6.95 13.03
CA VAL A 34 11.91 -7.93 12.08
C VAL A 34 11.45 -9.17 12.84
N VAL A 35 10.29 -9.70 12.48
CA VAL A 35 9.82 -10.98 13.00
C VAL A 35 9.67 -11.93 11.83
N TYR A 36 10.38 -13.05 11.88
CA TYR A 36 10.28 -14.07 10.84
C TYR A 36 9.02 -14.91 11.06
N GLN A 37 8.34 -15.23 9.95
CA GLN A 37 7.07 -15.92 10.05
C GLN A 37 7.19 -17.25 10.77
N LYS A 38 8.35 -17.91 10.66
CA LYS A 38 8.50 -19.19 11.35
C LYS A 38 8.48 -19.02 12.87
N ASP A 39 8.85 -17.85 13.37
CA ASP A 39 8.82 -17.57 14.80
C ASP A 39 7.51 -16.94 15.25
N TYR A 40 6.68 -16.46 14.32
CA TYR A 40 5.54 -15.64 14.74
C TYR A 40 4.53 -16.41 15.57
N PRO A 41 4.10 -17.62 15.18
CA PRO A 41 3.08 -18.31 16.00
C PRO A 41 3.46 -18.45 17.46
N ASP A 42 4.69 -18.87 17.76
CA ASP A 42 5.10 -18.96 19.16
C ASP A 42 5.26 -17.57 19.77
N PHE A 43 5.79 -16.61 19.01
CA PHE A 43 5.93 -15.26 19.55
C PHE A 43 4.57 -14.68 19.92
N TYR A 44 3.58 -14.86 19.05
CA TYR A 44 2.30 -14.18 19.20
C TYR A 44 1.43 -14.85 20.26
N PHE A 45 1.38 -16.18 20.30
CA PHE A 45 0.58 -16.85 21.33
C PHE A 45 1.26 -16.79 22.69
N GLY A 46 2.59 -16.71 22.73
CA GLY A 46 3.26 -16.49 23.99
C GLY A 46 3.00 -15.10 24.55
N VAL A 47 3.23 -14.06 23.74
CA VAL A 47 3.10 -12.70 24.25
C VAL A 47 1.66 -12.35 24.58
N THR A 48 0.68 -13.06 24.00
CA THR A 48 -0.71 -12.83 24.33
C THR A 48 -1.25 -13.84 25.34
N ASN A 49 -0.38 -14.67 25.92
CA ASN A 49 -0.78 -15.58 26.99
C ASN A 49 -1.89 -16.52 26.53
N SER A 50 -1.74 -17.05 25.32
CA SER A 50 -2.77 -17.89 24.69
C SER A 50 -2.28 -19.29 24.34
N ASN A 51 -1.08 -19.68 24.80
CA ASN A 51 -0.53 -20.98 24.41
C ASN A 51 -1.40 -22.15 24.84
N HIS A 52 -2.25 -21.97 25.84
CA HIS A 52 -3.13 -23.05 26.26
C HIS A 52 -4.23 -23.32 25.24
N LYS A 53 -4.50 -22.39 24.32
CA LYS A 53 -5.51 -22.58 23.29
C LYS A 53 -4.90 -23.30 22.09
N THR A 54 -4.60 -24.59 22.32
CA THR A 54 -3.77 -25.33 21.39
C THR A 54 -4.42 -25.46 20.01
N GLU A 55 -5.72 -25.72 19.98
CA GLU A 55 -6.40 -25.87 18.69
C GLU A 55 -6.38 -24.57 17.91
N LEU A 56 -6.79 -23.47 18.54
CA LEU A 56 -6.73 -22.17 17.89
C LEU A 56 -5.33 -21.90 17.37
N LYS A 57 -4.30 -22.25 18.15
CA LYS A 57 -2.94 -21.99 17.73
C LYS A 57 -2.57 -22.82 16.51
N ASP A 58 -2.99 -24.08 16.47
CA ASP A 58 -2.71 -24.92 15.30
C ASP A 58 -3.38 -24.35 14.06
N LYS A 59 -4.59 -23.80 14.22
CA LYS A 59 -5.20 -23.09 13.11
C LYS A 59 -4.35 -21.92 12.66
N PHE A 60 -3.78 -21.17 13.61
CA PHE A 60 -2.95 -20.03 13.23
C PHE A 60 -1.65 -20.48 12.56
N GLN A 61 -1.07 -21.58 13.04
CA GLN A 61 0.12 -22.12 12.39
C GLN A 61 -0.14 -22.40 10.92
N ARG A 62 -1.30 -22.97 10.60
CA ARG A 62 -1.60 -23.27 9.21
C ARG A 62 -1.76 -22.00 8.39
N MET A 63 -2.35 -20.95 8.99
CA MET A 63 -2.45 -19.67 8.28
C MET A 63 -1.07 -19.11 7.98
N CYS A 64 -0.16 -19.17 8.96
CA CYS A 64 1.19 -18.65 8.75
C CYS A 64 1.93 -19.50 7.74
N ASP A 65 1.79 -20.83 7.83
CA ASP A 65 2.43 -21.73 6.88
C ASP A 65 1.99 -21.43 5.45
N LYS A 66 0.76 -20.98 5.25
CA LYS A 66 0.23 -20.75 3.91
C LYS A 66 0.28 -19.29 3.49
N SER A 67 0.83 -18.41 4.34
CA SER A 67 0.72 -16.98 4.13
C SER A 67 1.59 -16.46 3.00
N CYS A 68 2.61 -17.20 2.58
CA CYS A 68 3.57 -16.69 1.61
C CYS A 68 4.22 -15.39 2.12
N VAL A 69 4.33 -15.28 3.43
CA VAL A 69 5.05 -14.18 4.07
C VAL A 69 6.19 -14.83 4.85
N SER A 70 7.42 -14.44 4.52
CA SER A 70 8.58 -14.98 5.24
C SER A 70 8.95 -14.14 6.45
N LYS A 71 8.69 -12.84 6.42
CA LYS A 71 9.10 -11.94 7.48
C LYS A 71 8.36 -10.62 7.34
N ARG A 72 8.21 -9.93 8.47
CA ARG A 72 7.55 -8.63 8.50
C ARG A 72 8.32 -7.69 9.42
N HIS A 73 8.22 -6.40 9.16
CA HIS A 73 8.77 -5.39 10.05
C HIS A 73 7.64 -4.87 10.94
N LEU A 74 7.88 -4.82 12.25
CA LEU A 74 6.84 -4.45 13.20
C LEU A 74 7.36 -3.43 14.21
N TYR A 75 6.65 -2.31 14.30
CA TYR A 75 6.92 -1.37 15.37
C TYR A 75 6.79 -2.04 16.74
N LEU A 76 5.72 -2.80 16.94
CA LEU A 76 5.50 -3.45 18.23
C LEU A 76 6.56 -4.51 18.48
N THR A 77 7.15 -4.49 19.66
CA THR A 77 8.14 -5.47 20.09
C THR A 77 7.65 -6.17 21.35
N GLU A 78 8.32 -7.27 21.69
CA GLU A 78 7.99 -7.95 22.93
C GLU A 78 8.05 -6.99 24.10
N GLU A 79 9.08 -6.13 24.14
CA GLU A 79 9.20 -5.18 25.23
C GLU A 79 7.98 -4.28 25.32
N ILE A 80 7.63 -3.63 24.21
CA ILE A 80 6.50 -2.71 24.23
C ILE A 80 5.23 -3.45 24.63
N LEU A 81 5.02 -4.65 24.09
CA LEU A 81 3.79 -5.38 24.40
C LEU A 81 3.70 -5.77 25.86
N LYS A 82 4.81 -6.26 26.43
CA LYS A 82 4.80 -6.60 27.86
C LYS A 82 4.61 -5.35 28.72
N ALA A 83 5.03 -4.19 28.23
CA ALA A 83 4.80 -2.95 28.94
C ALA A 83 3.35 -2.50 28.87
N ASN A 84 2.58 -2.97 27.89
CA ASN A 84 1.23 -2.48 27.64
C ASN A 84 0.27 -3.65 27.51
N PRO A 85 -0.08 -4.28 28.63
CA PRO A 85 -0.86 -5.52 28.56
C PRO A 85 -2.19 -5.39 27.84
N SER A 86 -2.79 -4.18 27.78
CA SER A 86 -4.09 -4.06 27.13
C SER A 86 -4.03 -4.36 25.63
N LEU A 87 -2.86 -4.24 25.00
CA LEU A 87 -2.71 -4.61 23.60
C LEU A 87 -2.61 -6.11 23.40
N CYS A 88 -2.31 -6.86 24.46
CA CYS A 88 -2.15 -8.31 24.34
C CYS A 88 -3.44 -9.08 24.54
N ALA A 89 -4.47 -8.43 25.08
CA ALA A 89 -5.76 -9.09 25.18
C ALA A 89 -6.52 -8.94 23.86
N TYR A 90 -7.61 -9.68 23.73
CA TYR A 90 -8.38 -9.63 22.49
C TYR A 90 -9.34 -8.44 22.45
N TRP A 91 -9.95 -8.07 23.59
CA TRP A 91 -11.00 -7.05 23.54
C TRP A 91 -10.94 -6.19 24.81
N GLU A 92 -9.90 -5.36 24.90
CA GLU A 92 -9.69 -4.46 26.01
C GLU A 92 -9.70 -3.03 25.53
N PRO A 93 -10.30 -2.11 26.30
CA PRO A 93 -10.20 -0.68 25.95
C PRO A 93 -8.75 -0.29 25.77
N SER A 94 -8.39 0.24 24.61
CA SER A 94 -6.99 0.47 24.29
C SER A 94 -6.80 1.50 23.19
N LEU A 95 -7.90 2.11 22.73
CA LEU A 95 -7.78 3.04 21.62
C LEU A 95 -6.89 4.23 21.97
N ASP A 96 -7.07 4.80 23.17
CA ASP A 96 -6.27 5.96 23.54
C ASP A 96 -4.79 5.61 23.51
N LEU A 97 -4.43 4.46 24.07
CA LEU A 97 -3.05 4.01 24.06
C LEU A 97 -2.56 3.82 22.62
N ARG A 98 -3.34 3.10 21.80
CA ARG A 98 -2.93 2.87 20.41
C ARG A 98 -2.72 4.20 19.69
N GLN A 99 -3.67 5.13 19.83
CA GLN A 99 -3.56 6.42 19.16
C GLN A 99 -2.31 7.17 19.61
N ASP A 100 -2.06 7.22 20.92
CA ASP A 100 -0.86 7.87 21.43
C ASP A 100 0.37 7.36 20.70
N ILE A 101 0.38 6.07 20.35
CA ILE A 101 1.49 5.50 19.60
C ILE A 101 1.46 5.94 18.14
N VAL A 102 0.37 5.64 17.42
CA VAL A 102 0.47 5.80 15.97
C VAL A 102 0.34 7.26 15.55
N VAL A 103 -0.33 8.11 16.34
CA VAL A 103 -0.39 9.51 15.95
C VAL A 103 1.03 10.08 15.85
N VAL A 104 1.97 9.52 16.60
CA VAL A 104 3.37 9.95 16.55
C VAL A 104 4.18 9.11 15.55
N GLU A 105 4.04 7.79 15.60
CA GLU A 105 4.96 6.94 14.85
C GLU A 105 4.63 6.85 13.37
N VAL A 106 3.37 7.04 12.99
CA VAL A 106 3.02 6.92 11.57
C VAL A 106 3.64 8.08 10.80
N PRO A 107 3.51 9.35 11.25
CA PRO A 107 4.22 10.43 10.54
C PRO A 107 5.73 10.25 10.58
N LYS A 108 6.27 9.76 11.70
CA LYS A 108 7.72 9.58 11.81
C LYS A 108 8.23 8.59 10.77
N LEU A 109 7.54 7.46 10.61
CA LEU A 109 7.93 6.50 9.58
C LEU A 109 7.75 7.10 8.19
N GLY A 110 6.65 7.83 7.99
CA GLY A 110 6.47 8.53 6.73
C GLY A 110 7.57 9.50 6.45
N LYS A 111 8.07 10.19 7.50
CA LYS A 111 9.18 11.12 7.34
C LYS A 111 10.44 10.42 6.83
N GLN A 112 10.74 9.24 7.37
CA GLN A 112 11.89 8.49 6.87
C GLN A 112 11.76 8.17 5.39
N ALA A 113 10.57 7.72 4.97
CA ALA A 113 10.38 7.39 3.55
C ALA A 113 10.41 8.64 2.69
N ALA A 114 9.77 9.72 3.16
CA ALA A 114 9.77 10.97 2.41
C ALA A 114 11.18 11.54 2.25
N SER A 115 12.00 11.47 3.30
CA SER A 115 13.36 11.99 3.19
C SER A 115 14.16 11.21 2.15
N ALA A 116 13.98 9.89 2.09
CA ALA A 116 14.67 9.11 1.06
C ALA A 116 14.20 9.51 -0.33
N ALA A 117 12.89 9.75 -0.51
CA ALA A 117 12.37 10.11 -1.82
C ALA A 117 12.89 11.48 -2.25
N ILE A 118 12.91 12.44 -1.33
CA ILE A 118 13.40 13.77 -1.64
C ILE A 118 14.88 13.73 -2.00
N LYS A 119 15.66 12.91 -1.28
CA LYS A 119 17.09 12.79 -1.58
C LYS A 119 17.32 12.27 -2.99
N GLU A 120 16.54 11.25 -3.41
CA GLU A 120 16.66 10.72 -4.76
C GLU A 120 16.24 11.76 -5.79
N TRP A 121 15.09 12.39 -5.53
CA TRP A 121 14.59 13.45 -6.41
C TRP A 121 15.66 14.50 -6.67
N GLY A 122 16.30 14.99 -5.61
CA GLY A 122 17.47 15.84 -5.73
C GLY A 122 17.19 17.33 -5.65
N GLN A 123 15.92 17.73 -5.67
CA GLN A 123 15.53 19.12 -5.54
C GLN A 123 15.32 19.47 -4.08
N PRO A 124 15.44 20.75 -3.73
CA PRO A 124 15.21 21.16 -2.34
C PRO A 124 13.76 20.91 -1.94
N LYS A 125 13.58 20.60 -0.65
CA LYS A 125 12.27 20.20 -0.17
C LYS A 125 11.24 21.31 -0.32
N SER A 126 11.67 22.57 -0.39
CA SER A 126 10.71 23.66 -0.55
C SER A 126 10.04 23.65 -1.91
N LYS A 127 10.51 22.85 -2.87
CA LYS A 127 9.80 22.76 -4.14
C LYS A 127 8.60 21.81 -4.06
N ILE A 128 8.41 21.13 -2.94
CA ILE A 128 7.16 20.41 -2.75
C ILE A 128 6.03 21.41 -2.55
N THR A 129 5.02 21.35 -3.43
CA THR A 129 3.88 22.26 -3.41
C THR A 129 2.62 21.65 -2.81
N HIS A 130 2.51 20.32 -2.83
CA HIS A 130 1.34 19.58 -2.38
C HIS A 130 1.81 18.38 -1.59
N LEU A 131 0.97 17.94 -0.65
CA LEU A 131 1.23 16.74 0.13
C LEU A 131 -0.06 15.94 0.27
N ILE A 132 0.01 14.65 -0.01
CA ILE A 132 -1.06 13.71 0.28
C ILE A 132 -0.52 12.68 1.26
N PHE A 133 -1.18 12.55 2.40
CA PHE A 133 -0.79 11.57 3.42
C PHE A 133 -1.93 10.59 3.58
N CYS A 134 -1.65 9.29 3.38
CA CYS A 134 -2.65 8.24 3.44
C CYS A 134 -2.28 7.26 4.54
N THR A 135 -3.24 6.90 5.37
CA THR A 135 -2.96 5.92 6.40
C THR A 135 -4.26 5.24 6.78
N THR A 136 -4.12 4.05 7.35
CA THR A 136 -5.21 3.32 7.98
C THR A 136 -4.99 3.24 9.49
N SER A 137 -3.95 3.91 9.99
CA SER A 137 -3.44 3.72 11.35
C SER A 137 -3.53 5.01 12.16
N GLY A 138 -4.68 5.25 12.80
CA GLY A 138 -4.88 6.38 13.69
C GLY A 138 -5.46 7.60 12.98
N VAL A 139 -6.04 8.50 13.78
CA VAL A 139 -6.59 9.77 13.30
C VAL A 139 -6.34 10.85 14.35
N ASP A 140 -6.23 12.09 13.90
CA ASP A 140 -6.00 13.19 14.85
C ASP A 140 -6.25 14.52 14.14
N MET A 141 -6.44 15.57 14.92
CA MET A 141 -6.49 16.93 14.40
C MET A 141 -5.58 17.86 15.20
N PRO A 142 -4.63 18.55 14.53
CA PRO A 142 -4.32 18.43 13.10
C PRO A 142 -3.78 17.03 12.82
N GLY A 143 -3.73 16.65 11.54
CA GLY A 143 -3.55 15.27 11.15
C GLY A 143 -2.11 14.90 10.87
N ALA A 144 -1.94 13.66 10.38
CA ALA A 144 -0.63 13.14 10.05
C ALA A 144 0.04 13.95 8.95
N ASP A 145 -0.76 14.56 8.07
CA ASP A 145 -0.23 15.41 7.03
C ASP A 145 0.46 16.63 7.63
N TRP A 146 -0.22 17.29 8.58
CA TRP A 146 0.38 18.41 9.31
C TRP A 146 1.64 17.96 10.04
N ALA A 147 1.58 16.82 10.70
CA ALA A 147 2.74 16.37 11.47
C ALA A 147 3.92 16.11 10.55
N LEU A 148 3.68 15.48 9.40
CA LEU A 148 4.77 15.19 8.48
C LEU A 148 5.36 16.48 7.91
N ALA A 149 4.50 17.43 7.55
CA ALA A 149 4.99 18.73 7.07
C ALA A 149 5.87 19.39 8.12
N LYS A 150 5.49 19.31 9.40
CA LYS A 150 6.34 19.87 10.45
C LYS A 150 7.66 19.11 10.53
N LEU A 151 7.61 17.78 10.52
CA LEU A 151 8.83 16.99 10.68
C LEU A 151 9.83 17.28 9.56
N LEU A 152 9.33 17.43 8.33
CA LEU A 152 10.18 17.68 7.17
C LEU A 152 10.59 19.14 7.04
N GLY A 153 9.84 20.06 7.65
CA GLY A 153 10.07 21.47 7.38
C GLY A 153 9.60 21.90 6.00
N LEU A 154 8.48 21.37 5.53
CA LEU A 154 7.93 21.79 4.25
C LEU A 154 7.47 23.24 4.31
N ARG A 155 7.25 23.83 3.13
CA ARG A 155 6.81 25.23 3.13
C ARG A 155 5.49 25.32 3.90
N SER A 156 5.31 26.41 4.64
CA SER A 156 4.10 26.55 5.43
C SER A 156 2.86 26.63 4.56
N SER A 157 3.02 26.94 3.27
CA SER A 157 1.90 27.00 2.34
C SER A 157 1.73 25.72 1.50
N VAL A 158 2.29 24.59 1.92
CA VAL A 158 2.06 23.36 1.17
C VAL A 158 0.58 23.00 1.24
N LYS A 159 0.03 22.57 0.11
CA LYS A 159 -1.38 22.21 0.05
C LYS A 159 -1.52 20.75 0.46
N ARG A 160 -2.12 20.53 1.62
CA ARG A 160 -2.12 19.22 2.28
C ARG A 160 -3.46 18.52 2.10
N LEU A 161 -3.42 17.20 2.19
CA LEU A 161 -4.62 16.39 2.19
C LEU A 161 -4.31 15.14 2.99
N VAL A 162 -5.14 14.83 3.99
CA VAL A 162 -4.95 13.60 4.76
C VAL A 162 -6.10 12.65 4.45
N LEU A 163 -5.74 11.43 4.05
CA LEU A 163 -6.69 10.38 3.72
C LEU A 163 -6.57 9.37 4.84
N TYR A 164 -7.54 9.38 5.73
CA TYR A 164 -7.62 8.53 6.90
C TYR A 164 -8.57 7.37 6.66
N MET A 165 -8.33 6.29 7.40
CA MET A 165 -9.20 5.11 7.38
C MET A 165 -9.47 4.65 5.96
N GLN A 166 -8.39 4.56 5.17
CA GLN A 166 -8.55 4.19 3.77
C GLN A 166 -8.55 2.67 3.59
N GLY A 167 -7.57 1.97 4.18
CA GLY A 167 -7.43 0.54 3.95
C GLY A 167 -6.62 0.24 2.70
N CYS A 168 -6.72 -1.01 2.25
CA CYS A 168 -5.75 -1.57 1.31
C CYS A 168 -5.85 -1.02 -0.10
N TYR A 169 -6.89 -0.27 -0.45
CA TYR A 169 -6.96 0.33 -1.78
C TYR A 169 -6.27 1.69 -1.84
N GLY A 170 -5.81 2.21 -0.70
CA GLY A 170 -5.37 3.60 -0.64
C GLY A 170 -4.19 3.94 -1.53
N GLY A 171 -3.36 2.94 -1.86
CA GLY A 171 -2.24 3.20 -2.76
C GLY A 171 -2.71 3.57 -4.15
N GLY A 172 -3.83 3.00 -4.59
CA GLY A 172 -4.45 3.45 -5.83
C GLY A 172 -5.06 4.83 -5.68
N THR A 173 -5.76 5.07 -4.57
CA THR A 173 -6.44 6.35 -4.35
C THR A 173 -5.46 7.52 -4.39
N VAL A 174 -4.31 7.39 -3.73
CA VAL A 174 -3.38 8.52 -3.70
C VAL A 174 -2.86 8.83 -5.09
N LEU A 175 -2.72 7.81 -5.94
CA LEU A 175 -2.27 8.09 -7.30
C LEU A 175 -3.36 8.75 -8.12
N ARG A 176 -4.60 8.28 -7.94
CA ARG A 176 -5.73 8.88 -8.63
C ARG A 176 -5.84 10.37 -8.31
N ILE A 177 -5.63 10.74 -7.04
CA ILE A 177 -5.70 12.16 -6.69
C ILE A 177 -4.44 12.90 -7.13
N ALA A 178 -3.26 12.34 -6.83
CA ALA A 178 -2.03 13.02 -7.21
C ALA A 178 -1.98 13.33 -8.70
N LYS A 179 -2.55 12.45 -9.54
CA LYS A 179 -2.55 12.69 -10.98
C LYS A 179 -3.18 14.04 -11.30
N ASP A 180 -4.32 14.34 -10.69
CA ASP A 180 -5.02 15.58 -10.99
C ASP A 180 -4.32 16.80 -10.40
N LEU A 181 -3.76 16.67 -9.19
CA LEU A 181 -2.99 17.78 -8.64
C LEU A 181 -1.77 18.10 -9.51
N ALA A 182 -1.05 17.08 -9.96
CA ALA A 182 0.15 17.35 -10.77
C ALA A 182 -0.22 17.92 -12.13
N GLU A 183 -1.22 17.32 -12.80
CA GLU A 183 -1.50 17.72 -14.17
C GLU A 183 -2.20 19.07 -14.25
N ASN A 184 -3.01 19.40 -13.25
CA ASN A 184 -3.76 20.65 -13.33
C ASN A 184 -3.02 21.85 -12.74
N ASN A 185 -1.76 21.70 -12.31
CA ASN A 185 -1.06 22.80 -11.65
C ASN A 185 0.38 22.86 -12.16
N LYS A 186 0.64 23.81 -13.05
CA LYS A 186 1.97 23.97 -13.62
C LYS A 186 3.00 24.15 -12.51
N GLY A 187 4.03 23.31 -12.53
CA GLY A 187 5.08 23.38 -11.55
C GLY A 187 4.81 22.58 -10.30
N ALA A 188 3.61 22.01 -10.16
CA ALA A 188 3.27 21.31 -8.94
C ALA A 188 4.14 20.08 -8.76
N ARG A 189 4.66 19.89 -7.55
CA ARG A 189 5.37 18.68 -7.18
C ARG A 189 4.73 18.12 -5.92
N VAL A 190 4.20 16.90 -6.02
CA VAL A 190 3.33 16.34 -4.99
C VAL A 190 4.10 15.28 -4.24
N LEU A 191 4.26 15.49 -2.94
CA LEU A 191 4.77 14.44 -2.06
C LEU A 191 3.60 13.55 -1.65
N VAL A 192 3.72 12.25 -1.91
CA VAL A 192 2.67 11.29 -1.65
C VAL A 192 3.21 10.29 -0.64
N VAL A 193 2.59 10.21 0.54
CA VAL A 193 3.08 9.29 1.57
C VAL A 193 1.96 8.36 2.02
N CYS A 194 2.24 7.06 2.01
CA CYS A 194 1.41 6.06 2.66
C CYS A 194 2.20 5.48 3.82
N SER A 195 1.62 5.47 5.02
CA SER A 195 2.34 4.99 6.19
C SER A 195 1.40 4.20 7.09
N GLU A 196 1.81 2.97 7.46
CA GLU A 196 0.92 2.04 8.16
C GLU A 196 1.67 1.35 9.29
N ILE A 197 1.04 1.29 10.47
CA ILE A 197 1.65 0.67 11.64
C ILE A 197 0.58 -0.13 12.38
N THR A 198 0.78 -1.46 12.48
CA THR A 198 -0.23 -2.40 12.96
C THR A 198 -0.53 -2.27 14.45
N ALA A 199 0.16 -1.39 15.18
CA ALA A 199 -0.22 -1.17 16.57
C ALA A 199 -1.68 -0.71 16.69
N ILE A 200 -2.25 -0.15 15.62
CA ILE A 200 -3.63 0.29 15.69
C ILE A 200 -4.60 -0.89 15.77
N THR A 201 -4.17 -2.08 15.32
CA THR A 201 -5.07 -3.22 15.13
C THR A 201 -4.65 -4.47 15.88
N PHE A 202 -3.40 -4.56 16.33
CA PHE A 202 -2.90 -5.77 16.98
C PHE A 202 -3.71 -6.11 18.22
N ARG A 203 -4.12 -7.37 18.34
CA ARG A 203 -4.82 -7.79 19.55
C ARG A 203 -4.65 -9.30 19.74
N GLY A 204 -4.97 -9.77 20.94
CA GLY A 204 -4.87 -11.18 21.25
C GLY A 204 -5.85 -12.01 20.44
N PRO A 205 -5.62 -13.32 20.38
CA PRO A 205 -6.43 -14.18 19.53
C PRO A 205 -7.72 -14.62 20.21
N SER A 206 -8.75 -14.85 19.38
CA SER A 206 -10.01 -15.42 19.87
C SER A 206 -10.56 -16.37 18.83
N ASP A 207 -11.03 -17.54 19.29
CA ASP A 207 -11.56 -18.53 18.37
C ASP A 207 -12.98 -18.21 17.93
N THR A 208 -13.52 -17.07 18.33
CA THR A 208 -14.80 -16.61 17.81
C THR A 208 -14.65 -15.59 16.69
N HIS A 209 -13.44 -15.03 16.49
CA HIS A 209 -13.19 -14.05 15.45
C HIS A 209 -11.98 -14.51 14.63
N LEU A 210 -12.17 -15.58 13.86
CA LEU A 210 -11.05 -16.19 13.15
C LEU A 210 -10.55 -15.33 12.00
N ASP A 211 -11.33 -14.35 11.55
CA ASP A 211 -10.82 -13.48 10.49
C ASP A 211 -9.80 -12.48 11.03
N SER A 212 -9.93 -12.06 12.30
CA SER A 212 -8.87 -11.26 12.91
C SER A 212 -7.55 -12.03 12.96
N LEU A 213 -7.61 -13.36 13.15
CA LEU A 213 -6.40 -14.17 13.09
C LEU A 213 -5.67 -13.98 11.76
N VAL A 214 -6.41 -13.96 10.66
CA VAL A 214 -5.79 -13.79 9.35
C VAL A 214 -4.96 -12.53 9.31
N GLY A 215 -5.48 -11.43 9.88
CA GLY A 215 -4.73 -10.19 9.90
C GLY A 215 -3.44 -10.31 10.69
N GLN A 216 -3.47 -11.06 11.79
CA GLN A 216 -2.26 -11.28 12.56
C GLN A 216 -1.23 -12.10 11.80
N ALA A 217 -1.67 -12.86 10.80
CA ALA A 217 -0.72 -13.61 10.00
C ALA A 217 -0.13 -12.79 8.86
N LEU A 218 -0.85 -11.77 8.38
CA LEU A 218 -0.50 -11.11 7.14
C LEU A 218 -0.05 -9.67 7.29
N PHE A 219 -0.56 -8.92 8.26
CA PHE A 219 -0.33 -7.47 8.28
C PHE A 219 1.06 -7.13 8.81
N GLY A 220 1.75 -6.23 8.10
CA GLY A 220 3.03 -5.71 8.56
C GLY A 220 3.04 -4.19 8.48
N ASP A 221 4.18 -3.61 8.90
CA ASP A 221 4.33 -2.17 8.99
C ASP A 221 5.25 -1.62 7.90
N GLY A 222 4.97 -0.40 7.45
CA GLY A 222 5.83 0.23 6.46
C GLY A 222 5.30 1.53 5.92
N ALA A 223 6.17 2.31 5.30
CA ALA A 223 5.75 3.56 4.69
C ALA A 223 6.48 3.71 3.37
N SER A 224 5.77 4.28 2.39
CA SER A 224 6.37 4.59 1.11
C SER A 224 6.01 6.01 0.73
N ALA A 225 6.91 6.63 -0.04
CA ALA A 225 6.75 8.03 -0.42
C ALA A 225 7.11 8.22 -1.89
N LEU A 226 6.34 9.04 -2.59
CA LEU A 226 6.59 9.40 -3.97
C LEU A 226 6.75 10.90 -4.11
N ILE A 227 7.50 11.31 -5.13
CA ILE A 227 7.36 12.64 -5.69
C ILE A 227 6.66 12.45 -7.03
N VAL A 228 5.52 13.11 -7.20
CA VAL A 228 4.71 13.01 -8.41
C VAL A 228 4.63 14.40 -9.03
N GLY A 229 4.94 14.48 -10.32
CA GLY A 229 4.79 15.77 -11.01
C GLY A 229 4.72 15.59 -12.50
N SER A 230 4.15 16.58 -13.17
CA SER A 230 4.12 16.61 -14.63
C SER A 230 5.29 17.44 -15.16
N ASP A 231 5.66 17.15 -16.40
CA ASP A 231 6.67 17.93 -17.11
C ASP A 231 8.00 17.91 -16.38
N PRO A 232 8.58 16.73 -16.14
CA PRO A 232 9.90 16.68 -15.51
C PRO A 232 10.91 17.49 -16.31
N VAL A 233 11.76 18.21 -15.59
CA VAL A 233 12.77 19.06 -16.22
C VAL A 233 13.82 18.17 -16.88
N PRO A 234 14.06 18.32 -18.19
CA PRO A 234 15.01 17.43 -18.87
C PRO A 234 16.40 17.50 -18.26
N ALA A 235 17.02 16.32 -18.13
CA ALA A 235 18.38 16.15 -17.63
C ALA A 235 18.50 16.54 -16.16
N VAL A 236 17.39 16.91 -15.52
CA VAL A 236 17.37 17.39 -14.14
C VAL A 236 16.56 16.47 -13.25
N GLU A 237 15.29 16.24 -13.60
CA GLU A 237 14.43 15.26 -12.98
C GLU A 237 14.31 14.04 -13.87
N ARG A 238 13.85 12.94 -13.28
CA ARG A 238 13.81 11.68 -13.99
C ARG A 238 12.48 11.00 -13.70
N ALA A 239 11.71 10.69 -14.74
CA ALA A 239 10.46 9.97 -14.59
C ALA A 239 10.72 8.47 -14.52
N TRP A 240 9.97 7.78 -13.68
CA TRP A 240 10.02 6.32 -13.56
C TRP A 240 8.74 5.64 -14.03
N PHE A 241 7.59 6.23 -13.74
CA PHE A 241 6.32 5.75 -14.27
C PHE A 241 5.42 6.95 -14.54
N GLU A 242 4.52 6.77 -15.49
CA GLU A 242 3.54 7.77 -15.89
C GLU A 242 2.15 7.27 -15.55
N LEU A 243 1.34 8.14 -14.95
CA LEU A 243 -0.04 7.82 -14.64
C LEU A 243 -0.91 8.22 -15.83
N HIS A 244 -1.59 7.25 -16.45
CA HIS A 244 -2.34 7.57 -17.66
C HIS A 244 -3.85 7.41 -17.54
N TRP A 245 -4.36 6.49 -16.73
CA TRP A 245 -5.78 6.30 -16.60
C TRP A 245 -6.07 5.79 -15.20
N THR A 246 -7.21 6.18 -14.63
CA THR A 246 -7.58 5.72 -13.30
C THR A 246 -9.05 5.36 -13.30
N GLY A 247 -9.38 4.38 -12.46
CA GLY A 247 -10.77 3.96 -12.33
C GLY A 247 -10.99 3.44 -10.92
N SER A 248 -12.22 3.52 -10.49
CA SER A 248 -12.57 3.00 -9.19
C SER A 248 -13.87 2.23 -9.38
N ASP A 249 -14.02 1.12 -8.64
CA ASP A 249 -15.21 0.29 -8.75
C ASP A 249 -15.55 -0.33 -7.40
N ILE A 250 -16.83 -0.31 -7.06
CA ILE A 250 -17.37 -1.14 -5.99
C ILE A 250 -17.83 -2.45 -6.61
N LEU A 251 -17.24 -3.56 -6.19
CA LEU A 251 -17.55 -4.82 -6.81
C LEU A 251 -18.95 -5.29 -6.42
N PRO A 252 -19.64 -5.99 -7.31
CA PRO A 252 -21.01 -6.40 -7.01
C PRO A 252 -21.06 -7.44 -5.90
N ASN A 253 -22.15 -7.41 -5.15
CA ASN A 253 -22.42 -8.39 -4.11
C ASN A 253 -21.24 -8.53 -3.15
N SER A 254 -20.68 -7.39 -2.74
CA SER A 254 -19.53 -7.38 -1.84
C SER A 254 -19.80 -6.60 -0.56
N ASP A 255 -21.06 -6.22 -0.31
CA ASP A 255 -21.42 -5.57 0.94
C ASP A 255 -20.90 -6.36 2.13
N GLY A 256 -20.06 -5.71 2.93
CA GLY A 256 -19.52 -6.35 4.11
C GLY A 256 -18.40 -7.33 3.86
N ALA A 257 -17.80 -7.33 2.67
CA ALA A 257 -16.71 -8.26 2.40
C ALA A 257 -15.49 -7.94 3.27
N ILE A 258 -15.17 -6.65 3.40
CA ILE A 258 -14.03 -6.18 4.18
C ILE A 258 -14.54 -4.97 4.95
N ASP A 259 -14.61 -5.08 6.27
CA ASP A 259 -15.02 -3.98 7.14
C ASP A 259 -13.95 -3.76 8.20
N GLY A 260 -13.81 -2.50 8.63
CA GLY A 260 -12.92 -2.17 9.72
C GLY A 260 -13.49 -1.01 10.53
N HIS A 261 -13.67 -1.18 11.83
CA HIS A 261 -14.28 -0.15 12.65
C HIS A 261 -13.30 0.35 13.70
N LEU A 262 -13.27 1.66 13.91
CA LEU A 262 -12.39 2.24 14.93
C LEU A 262 -13.17 2.27 16.24
N LYS A 263 -12.89 1.32 17.13
CA LYS A 263 -13.62 1.14 18.37
C LYS A 263 -12.77 1.49 19.58
N GLU A 264 -13.39 1.45 20.76
CA GLU A 264 -12.65 1.72 21.98
C GLU A 264 -11.55 0.68 22.24
N VAL A 265 -11.60 -0.46 21.55
CA VAL A 265 -10.59 -1.51 21.68
C VAL A 265 -9.61 -1.42 20.52
N GLY A 266 -9.67 -0.32 19.79
CA GLY A 266 -8.80 -0.10 18.65
C GLY A 266 -9.48 -0.44 17.33
N LEU A 267 -8.66 -0.55 16.30
CA LEU A 267 -9.18 -0.86 14.98
C LEU A 267 -9.50 -2.35 14.90
N THR A 268 -10.75 -2.65 14.54
CA THR A 268 -11.19 -4.03 14.36
C THR A 268 -11.23 -4.39 12.89
N PHE A 269 -11.14 -5.69 12.62
CA PHE A 269 -10.96 -6.22 11.28
C PHE A 269 -11.99 -7.32 11.05
N HIS A 270 -12.76 -7.20 9.96
CA HIS A 270 -13.74 -8.22 9.58
C HIS A 270 -13.54 -8.56 8.10
N LEU A 271 -13.44 -9.84 7.80
CA LEU A 271 -12.98 -10.25 6.47
C LEU A 271 -13.64 -11.57 6.09
N MET A 272 -14.44 -11.55 5.03
CA MET A 272 -15.18 -12.74 4.62
C MET A 272 -14.31 -13.66 3.78
N LYS A 273 -14.61 -14.97 3.86
CA LYS A 273 -13.80 -15.96 3.17
C LYS A 273 -13.91 -15.87 1.66
N ASP A 274 -14.91 -15.18 1.13
CA ASP A 274 -15.13 -15.09 -0.31
C ASP A 274 -14.44 -13.90 -0.96
N VAL A 275 -13.60 -13.17 -0.22
CA VAL A 275 -12.91 -12.01 -0.80
C VAL A 275 -12.10 -12.38 -2.04
N PRO A 276 -11.29 -13.46 -2.03
CA PRO A 276 -10.57 -13.81 -3.26
C PRO A 276 -11.49 -14.13 -4.43
N ALA A 277 -12.61 -14.81 -4.18
CA ALA A 277 -13.54 -15.14 -5.26
C ALA A 277 -14.19 -13.88 -5.83
N ILE A 278 -14.59 -12.93 -4.98
CA ILE A 278 -15.19 -11.69 -5.45
C ILE A 278 -14.21 -10.93 -6.32
N ILE A 279 -12.97 -10.78 -5.85
CA ILE A 279 -11.96 -10.06 -6.61
C ILE A 279 -11.67 -10.78 -7.93
N SER A 280 -11.32 -12.06 -7.84
CA SER A 280 -10.84 -12.76 -9.03
C SER A 280 -11.94 -12.92 -10.08
N LYS A 281 -13.20 -13.06 -9.67
CA LYS A 281 -14.28 -13.25 -10.63
C LYS A 281 -14.72 -11.95 -11.31
N ASN A 282 -14.40 -10.78 -10.75
CA ASN A 282 -14.81 -9.52 -11.35
C ASN A 282 -13.66 -8.73 -11.98
N ILE A 283 -12.39 -9.07 -11.68
CA ILE A 283 -11.30 -8.18 -12.11
C ILE A 283 -11.15 -8.18 -13.62
N GLY A 284 -11.45 -9.30 -14.28
CA GLY A 284 -11.29 -9.38 -15.73
C GLY A 284 -12.10 -8.34 -16.47
N GLY A 285 -13.39 -8.25 -16.17
CA GLY A 285 -14.22 -7.24 -16.81
C GLY A 285 -13.72 -5.83 -16.55
N ILE A 286 -13.23 -5.59 -15.34
CA ILE A 286 -12.72 -4.26 -15.00
C ILE A 286 -11.49 -3.94 -15.84
N LEU A 287 -10.55 -4.88 -15.96
CA LEU A 287 -9.34 -4.58 -16.70
C LEU A 287 -9.61 -4.47 -18.20
N LYS A 288 -10.47 -5.35 -18.73
CA LYS A 288 -10.83 -5.26 -20.14
C LYS A 288 -11.46 -3.90 -20.46
N ASP A 289 -12.33 -3.41 -19.56
CA ASP A 289 -12.92 -2.10 -19.76
C ASP A 289 -11.87 -0.99 -19.68
N ALA A 290 -11.00 -1.04 -18.65
CA ALA A 290 -9.97 -0.01 -18.53
C ALA A 290 -9.07 0.00 -19.74
N LEU A 291 -8.60 -1.17 -20.17
CA LEU A 291 -7.71 -1.23 -21.32
C LEU A 291 -8.44 -0.78 -22.59
N ALA A 292 -9.74 -1.04 -22.69
CA ALA A 292 -10.48 -0.57 -23.87
C ALA A 292 -10.58 0.95 -23.88
N LYS A 293 -10.65 1.59 -22.71
CA LYS A 293 -10.65 3.05 -22.65
C LYS A 293 -9.30 3.62 -23.03
N VAL A 294 -8.21 2.95 -22.64
CA VAL A 294 -6.87 3.47 -22.93
C VAL A 294 -6.46 3.18 -24.37
N PHE A 295 -6.95 2.10 -24.96
CA PHE A 295 -6.64 1.71 -26.34
C PHE A 295 -7.92 1.53 -27.13
N PRO A 296 -8.66 2.61 -27.34
CA PRO A 296 -9.95 2.50 -28.03
C PRO A 296 -9.78 2.16 -29.49
N ALA A 297 -10.78 1.50 -30.05
CA ALA A 297 -10.87 1.37 -31.50
C ALA A 297 -11.65 2.55 -32.06
N ALA A 298 -11.38 2.86 -33.32
CA ALA A 298 -12.11 3.93 -34.01
C ALA A 298 -12.33 3.57 -35.47
N ALA A 311 -6.13 1.79 -35.14
CA ALA A 311 -5.84 2.05 -33.73
C ALA A 311 -5.20 0.83 -33.07
N PRO A 312 -4.27 1.06 -32.17
CA PRO A 312 -3.53 -0.04 -31.54
C PRO A 312 -4.44 -0.85 -30.61
N PRO A 313 -4.43 -2.18 -30.72
CA PRO A 313 -5.13 -3.00 -29.73
C PRO A 313 -4.39 -3.00 -28.40
N PRO A 314 -5.08 -3.29 -27.31
CA PRO A 314 -4.40 -3.30 -26.01
C PRO A 314 -3.37 -4.39 -25.98
N PRO A 315 -2.27 -4.21 -25.24
CA PRO A 315 -1.34 -5.32 -25.03
C PRO A 315 -2.06 -6.46 -24.32
N THR A 316 -1.51 -7.67 -24.47
CA THR A 316 -2.05 -8.81 -23.73
C THR A 316 -1.64 -8.71 -22.26
N TYR A 317 -2.36 -9.44 -21.40
CA TYR A 317 -2.02 -9.41 -19.98
C TYR A 317 -0.54 -9.74 -19.76
N ASN A 318 -0.02 -10.70 -20.52
CA ASN A 318 1.35 -11.15 -20.32
C ASN A 318 2.37 -10.12 -20.81
N ASP A 319 1.95 -9.13 -21.58
CA ASP A 319 2.85 -8.07 -22.03
C ASP A 319 2.66 -6.77 -21.24
N LEU A 320 1.87 -6.79 -20.16
CA LEU A 320 1.80 -5.70 -19.19
C LEU A 320 2.67 -6.02 -17.98
N PHE A 321 3.12 -4.97 -17.28
CA PHE A 321 3.71 -5.20 -15.96
C PHE A 321 2.62 -5.00 -14.90
N TRP A 322 2.79 -5.67 -13.76
CA TRP A 322 1.70 -5.85 -12.78
C TRP A 322 2.15 -5.43 -11.40
N ILE A 323 1.45 -4.47 -10.81
CA ILE A 323 1.70 -3.99 -9.44
C ILE A 323 0.40 -4.19 -8.69
N THR A 324 0.27 -5.33 -8.02
CA THR A 324 -1.01 -5.79 -7.51
C THR A 324 -0.97 -5.81 -5.99
N HIS A 325 -1.95 -5.19 -5.34
CA HIS A 325 -1.94 -5.24 -3.88
C HIS A 325 -2.07 -6.70 -3.42
N PRO A 326 -1.14 -7.20 -2.69
CA PRO A 326 -1.19 -8.62 -2.29
C PRO A 326 -1.98 -8.78 -0.99
N GLY A 327 -3.30 -8.61 -1.10
CA GLY A 327 -4.13 -8.70 0.08
C GLY A 327 -3.89 -9.99 0.84
N GLY A 328 -3.64 -11.06 0.11
CA GLY A 328 -3.20 -12.32 0.66
C GLY A 328 -2.88 -13.24 -0.50
N PRO A 329 -2.16 -14.33 -0.25
CA PRO A 329 -1.80 -15.21 -1.36
C PRO A 329 -3.00 -15.76 -2.11
N ALA A 330 -4.13 -15.98 -1.42
CA ALA A 330 -5.28 -16.55 -2.12
C ALA A 330 -5.82 -15.58 -3.17
N ILE A 331 -5.76 -14.27 -2.89
CA ILE A 331 -6.16 -13.28 -3.88
C ILE A 331 -5.25 -13.35 -5.09
N LEU A 332 -3.93 -13.32 -4.87
CA LEU A 332 -3.00 -13.38 -6.01
C LEU A 332 -3.20 -14.68 -6.81
N ASP A 333 -3.30 -15.81 -6.11
CA ASP A 333 -3.41 -17.09 -6.81
C ASP A 333 -4.67 -17.15 -7.66
N GLN A 334 -5.79 -16.64 -7.14
CA GLN A 334 -7.04 -16.74 -7.88
C GLN A 334 -7.10 -15.73 -9.03
N VAL A 335 -6.52 -14.55 -8.83
CA VAL A 335 -6.43 -13.58 -9.92
C VAL A 335 -5.55 -14.13 -11.04
N GLU A 336 -4.40 -14.67 -10.67
CA GLU A 336 -3.50 -15.26 -11.65
C GLU A 336 -4.19 -16.38 -12.41
N ASP A 337 -4.98 -17.21 -11.71
CA ASP A 337 -5.67 -18.32 -12.37
C ASP A 337 -6.77 -17.79 -13.29
N ARG A 338 -7.62 -16.89 -12.80
CA ARG A 338 -8.77 -16.47 -13.59
C ARG A 338 -8.35 -15.69 -14.84
N LEU A 339 -7.30 -14.89 -14.75
CA LEU A 339 -6.83 -14.10 -15.88
C LEU A 339 -5.82 -14.84 -16.76
N GLY A 340 -5.44 -16.06 -16.40
CA GLY A 340 -4.46 -16.80 -17.18
C GLY A 340 -3.08 -16.16 -17.22
N LEU A 341 -2.67 -15.50 -16.15
CA LEU A 341 -1.37 -14.84 -16.11
C LEU A 341 -0.25 -15.87 -16.05
N ARG A 342 0.80 -15.61 -16.84
CA ARG A 342 2.02 -16.40 -16.71
C ARG A 342 2.60 -16.24 -15.31
N LYS A 343 3.25 -17.30 -14.82
CA LYS A 343 3.62 -17.39 -13.42
C LYS A 343 4.61 -16.31 -12.99
N ASP A 344 5.30 -15.63 -13.92
CA ASP A 344 6.26 -14.59 -13.55
C ASP A 344 5.64 -13.20 -13.47
N LYS A 345 4.39 -13.02 -13.90
CA LYS A 345 3.81 -11.68 -13.93
C LYS A 345 3.71 -11.08 -12.53
N LEU A 346 3.39 -11.90 -11.53
CA LEU A 346 3.22 -11.41 -10.17
C LEU A 346 4.47 -11.59 -9.30
N ALA A 347 5.64 -11.77 -9.92
CA ALA A 347 6.85 -12.05 -9.13
C ALA A 347 7.26 -10.86 -8.26
N SER A 348 7.21 -9.64 -8.78
CA SER A 348 7.58 -8.48 -7.94
C SER A 348 6.58 -8.27 -6.81
N THR A 349 5.30 -8.45 -7.10
CA THR A 349 4.26 -8.41 -6.07
C THR A 349 4.53 -9.44 -4.98
N ARG A 350 4.77 -10.69 -5.37
CA ARG A 350 4.97 -11.73 -4.36
C ARG A 350 6.26 -11.53 -3.57
N ALA A 351 7.29 -10.94 -4.19
CA ALA A 351 8.51 -10.65 -3.45
C ALA A 351 8.23 -9.69 -2.29
N VAL A 352 7.42 -8.67 -2.51
CA VAL A 352 7.16 -7.72 -1.44
C VAL A 352 6.31 -8.36 -0.34
N LEU A 353 5.28 -9.11 -0.72
CA LEU A 353 4.51 -9.87 0.27
C LEU A 353 5.41 -10.78 1.07
N ASP A 354 6.36 -11.46 0.40
CA ASP A 354 7.23 -12.40 1.09
C ASP A 354 8.10 -11.69 2.13
N GLN A 355 8.57 -10.49 1.82
CA GLN A 355 9.59 -9.84 2.64
C GLN A 355 9.03 -8.79 3.58
N PHE A 356 7.77 -8.39 3.40
CA PHE A 356 7.17 -7.30 4.18
C PHE A 356 5.77 -7.59 4.69
N GLY A 357 5.09 -8.64 4.23
CA GLY A 357 3.69 -8.81 4.56
C GLY A 357 2.81 -7.80 3.82
N ASN A 358 1.53 -7.80 4.19
CA ASN A 358 0.54 -6.85 3.69
C ASN A 358 0.63 -5.56 4.50
N MET A 359 1.14 -4.49 3.90
CA MET A 359 1.30 -3.19 4.57
C MET A 359 0.19 -2.22 4.17
N SER A 360 -1.03 -2.76 4.00
CA SER A 360 -2.18 -1.96 3.60
C SER A 360 -1.80 -1.01 2.46
N SER A 361 -2.15 0.28 2.61
CA SER A 361 -2.08 1.20 1.47
C SER A 361 -0.65 1.38 0.94
N ALA A 362 0.37 1.14 1.78
CA ALA A 362 1.74 1.38 1.32
C ALA A 362 2.24 0.29 0.38
N THR A 363 1.58 -0.88 0.34
CA THR A 363 2.21 -2.05 -0.23
C THR A 363 2.48 -1.89 -1.73
N VAL A 364 1.52 -1.34 -2.49
CA VAL A 364 1.74 -1.26 -3.94
C VAL A 364 2.89 -0.31 -4.26
N LEU A 365 3.17 0.67 -3.41
CA LEU A 365 4.31 1.54 -3.73
C LEU A 365 5.64 0.85 -3.43
N PHE A 366 5.71 0.00 -2.40
CA PHE A 366 6.88 -0.87 -2.25
C PHE A 366 7.09 -1.73 -3.50
N ILE A 367 5.99 -2.24 -4.09
CA ILE A 367 6.12 -3.11 -5.25
C ILE A 367 6.60 -2.33 -6.45
N MET A 368 6.07 -1.11 -6.65
CA MET A 368 6.58 -0.23 -7.68
C MET A 368 8.07 -0.01 -7.52
N ASP A 369 8.54 0.22 -6.30
CA ASP A 369 9.97 0.41 -6.07
C ASP A 369 10.74 -0.86 -6.40
N GLU A 370 10.26 -2.02 -5.94
CA GLU A 370 10.93 -3.28 -6.22
C GLU A 370 11.05 -3.52 -7.72
N MET A 371 10.00 -3.18 -8.46
CA MET A 371 9.97 -3.45 -9.89
C MET A 371 10.98 -2.60 -10.63
N ARG A 372 11.01 -1.30 -10.36
CA ARG A 372 11.97 -0.44 -11.05
C ARG A 372 13.40 -0.81 -10.67
N LYS A 373 13.61 -1.19 -9.41
CA LYS A 373 14.96 -1.54 -8.97
C LYS A 373 15.43 -2.84 -9.61
N ARG A 374 14.55 -3.85 -9.70
CA ARG A 374 14.91 -5.05 -10.44
C ARG A 374 15.18 -4.73 -11.90
N SER A 375 14.38 -3.84 -12.49
CA SER A 375 14.52 -3.54 -13.91
C SER A 375 15.87 -2.89 -14.21
N VAL A 376 16.28 -1.92 -13.39
CA VAL A 376 17.60 -1.32 -13.60
C VAL A 376 18.69 -2.33 -13.30
N GLU A 377 18.53 -3.11 -12.24
CA GLU A 377 19.54 -4.10 -11.86
C GLU A 377 19.78 -5.10 -12.99
N GLN A 378 18.71 -5.64 -13.54
CA GLN A 378 18.80 -6.64 -14.58
C GLN A 378 18.97 -6.04 -15.96
N GLN A 379 19.09 -4.71 -16.05
CA GLN A 379 19.33 -4.01 -17.30
C GLN A 379 18.24 -4.32 -18.32
N LEU A 380 16.99 -4.29 -17.86
CA LEU A 380 15.88 -4.44 -18.77
C LEU A 380 15.60 -3.11 -19.48
N GLY A 381 14.78 -3.16 -20.51
CA GLY A 381 14.69 -1.99 -21.34
C GLY A 381 13.77 -0.91 -20.83
N THR A 382 12.97 -1.19 -19.79
CA THR A 382 12.07 -0.21 -19.20
C THR A 382 11.99 -0.44 -17.70
N THR A 383 11.45 0.56 -17.01
CA THR A 383 11.23 0.48 -15.57
C THR A 383 10.13 -0.51 -15.21
N GLY A 384 9.35 -0.96 -16.20
CA GLY A 384 8.34 -1.98 -15.96
C GLY A 384 8.74 -3.36 -16.46
N GLU A 385 9.92 -3.83 -16.07
CA GLU A 385 10.40 -5.17 -16.43
C GLU A 385 10.53 -5.35 -17.93
N GLY A 386 10.72 -4.25 -18.66
CA GLY A 386 10.86 -4.35 -20.09
C GLY A 386 9.56 -4.20 -20.86
N HIS A 387 8.43 -4.07 -20.17
CA HIS A 387 7.15 -3.84 -20.82
C HIS A 387 6.84 -2.35 -20.82
N GLU A 388 6.00 -1.95 -21.78
CA GLU A 388 5.67 -0.53 -21.91
C GLU A 388 4.53 -0.13 -20.98
N TRP A 389 3.44 -0.89 -20.96
CA TRP A 389 2.25 -0.56 -20.19
C TRP A 389 2.07 -1.51 -19.02
N GLY A 390 1.39 -1.02 -17.99
CA GLY A 390 1.24 -1.78 -16.76
C GLY A 390 0.00 -1.36 -16.00
N LEU A 391 -0.27 -2.10 -14.94
CA LEU A 391 -1.49 -1.95 -14.14
C LEU A 391 -1.10 -1.93 -12.67
N LEU A 392 -1.63 -0.96 -11.92
CA LEU A 392 -1.54 -0.96 -10.47
C LEU A 392 -2.95 -1.13 -9.92
N LEU A 393 -3.13 -2.09 -9.02
CA LEU A 393 -4.44 -2.47 -8.53
C LEU A 393 -4.42 -2.43 -7.00
N GLY A 394 -5.38 -1.72 -6.43
CA GLY A 394 -5.60 -1.72 -5.00
C GLY A 394 -6.97 -2.32 -4.70
N PHE A 395 -7.05 -3.08 -3.61
CA PHE A 395 -8.30 -3.71 -3.19
C PHE A 395 -8.51 -3.44 -1.71
N GLY A 396 -9.73 -3.06 -1.33
CA GLY A 396 -10.01 -2.79 0.06
C GLY A 396 -11.50 -2.70 0.37
N PRO A 397 -11.83 -2.13 1.51
CA PRO A 397 -13.23 -2.07 1.94
C PRO A 397 -14.14 -1.44 0.88
N GLY A 398 -15.28 -2.07 0.63
CA GLY A 398 -16.21 -1.61 -0.39
C GLY A 398 -17.18 -2.66 -0.91
N LEU A 399 -16.68 -3.75 -1.49
CA LEU A 399 -15.27 -3.97 -1.75
C LEU A 399 -14.80 -3.08 -2.91
N THR A 400 -13.81 -2.25 -2.63
CA THR A 400 -13.33 -1.22 -3.54
C THR A 400 -12.15 -1.73 -4.33
N CYS A 401 -12.19 -1.54 -5.65
CA CYS A 401 -11.09 -1.85 -6.55
C CYS A 401 -10.61 -0.57 -7.22
N GLU A 402 -9.34 -0.22 -6.98
CA GLU A 402 -8.71 0.94 -7.60
C GLU A 402 -7.80 0.45 -8.72
N THR A 403 -7.98 0.98 -9.92
CA THR A 403 -7.19 0.58 -11.08
C THR A 403 -6.45 1.78 -11.65
N VAL A 404 -5.13 1.65 -11.83
CA VAL A 404 -4.33 2.71 -12.44
C VAL A 404 -3.59 2.10 -13.63
N VAL A 405 -3.80 2.63 -14.82
CA VAL A 405 -2.99 2.21 -15.97
C VAL A 405 -1.75 3.10 -16.02
N LEU A 406 -0.59 2.46 -16.03
CA LEU A 406 0.69 3.12 -15.94
C LEU A 406 1.48 2.88 -17.22
N ARG A 407 2.32 3.84 -17.56
CA ARG A 407 3.34 3.59 -18.56
C ARG A 407 4.71 3.61 -17.89
N SER A 408 5.56 2.67 -18.28
CA SER A 408 6.94 2.65 -17.82
C SER A 408 7.75 3.72 -18.55
N VAL A 409 9.03 3.82 -18.20
CA VAL A 409 9.92 4.73 -18.89
C VAL A 409 11.08 3.92 -19.45
N PRO A 410 11.53 4.18 -20.68
CA PRO A 410 12.67 3.43 -21.22
C PRO A 410 13.93 3.65 -20.39
N LEU A 411 14.73 2.60 -20.25
CA LEU A 411 15.98 2.69 -19.49
C LEU A 411 17.16 2.76 -20.45
N VAL A 412 18.10 3.65 -20.11
CA VAL A 412 19.35 3.88 -20.84
C VAL A 412 19.18 3.70 -22.33
C1 NAR B . -7.16 -2.69 5.80
C2 NAR B . -8.47 -3.00 5.49
C3 NAR B . -9.40 -3.29 6.51
C4 NAR B . -9.01 -3.26 7.86
C5 NAR B . -7.67 -2.97 8.17
C6 NAR B . -6.76 -2.67 7.16
C7 NAR B . -7.23 -2.93 9.66
C8 NAR B . -5.74 -3.02 9.80
C9 NAR B . -4.92 -2.36 8.70
O1 NAR B . -5.38 -2.34 7.37
O2 NAR B . -7.88 -3.97 10.39
C10 NAR B . -3.43 -2.16 8.86
C11 NAR B . -2.93 -1.14 9.65
C12 NAR B . -1.56 -0.97 9.77
C13 NAR B . -0.70 -1.84 9.09
C14 NAR B . -1.20 -2.87 8.31
C15 NAR B . -2.58 -3.01 8.18
O3 NAR B . 0.69 -1.67 9.24
O4 NAR B . -8.85 -3.01 4.15
O5 NAR B . -9.90 -3.56 8.90
H11 NAR B . -6.55 -2.50 5.12
H31 NAR B . -10.28 -3.49 6.29
H81 NAR B . -5.35 -3.20 10.62
H111 NAR B . -3.51 -0.56 10.10
H121 NAR B . -1.20 -0.29 10.30
H141 NAR B . -0.62 -3.45 7.86
H151 NAR B . -2.93 -3.69 7.66
H41 NAR B . -8.96 -3.80 3.88
H51 NAR B . -10.18 -2.84 9.25
N1A COA C . -11.85 -16.05 8.24
C2A COA C . -11.63 -17.10 9.04
N3A COA C . -10.84 -18.16 8.83
C4A COA C . -10.25 -18.06 7.64
C5A COA C . -10.37 -17.06 6.73
C6A COA C . -11.22 -15.99 7.05
N6A COA C . -11.44 -14.96 6.25
N7A COA C . -9.59 -17.32 5.62
C8A COA C . -9.01 -18.47 5.90
N9A COA C . -9.37 -18.95 7.10
C1B COA C . -8.94 -20.16 7.70
C2B COA C . -9.57 -21.41 7.11
O2B COA C . -10.90 -21.54 7.55
C3B COA C . -8.56 -22.48 7.57
O3B COA C . -8.85 -22.87 8.89
P3B COA C . -8.73 -24.48 9.13
O7A COA C . -9.81 -25.06 8.29
O8A COA C . -7.40 -25.01 8.78
O9A COA C . -9.00 -24.58 10.57
C4B COA C . -7.24 -21.72 7.58
O4B COA C . -7.58 -20.32 7.44
C5B COA C . -6.24 -22.09 6.52
O5B COA C . -6.81 -21.88 5.23
P1A COA C . -6.46 -22.96 4.13
O1A COA C . -7.58 -23.06 3.17
O2A COA C . -5.92 -24.14 4.81
O3A COA C . -5.26 -22.25 3.37
P2A COA C . -5.28 -20.94 2.47
O4A COA C . -6.50 -20.87 1.64
O5A COA C . -3.97 -20.88 1.78
O6A COA C . -5.37 -19.86 3.62
CBP COA C . -4.64 -17.57 3.58
CCP COA C . -4.27 -19.02 3.93
CDP COA C . -5.33 -16.93 4.77
CEP COA C . -3.36 -16.82 3.34
CAP COA C . -5.56 -17.44 2.37
OAP COA C . -6.84 -18.00 2.60
C9P COA C . -5.67 -16.01 1.88
O9P COA C . -4.71 -15.43 1.45
N8P COA C . -6.86 -15.45 1.96
C7P COA C . -7.07 -14.06 1.54
C6P COA C . -6.72 -13.09 2.62
C5P COA C . -7.47 -11.78 2.47
O5P COA C . -8.65 -11.78 2.16
N4P COA C . -6.81 -10.65 2.68
C3P COA C . -7.37 -9.39 2.22
C2P COA C . -6.90 -8.16 2.98
S1P COA C . -6.13 -6.66 2.28
S1P COA C . -8.05 -7.10 3.87
#